data_7WH1
#
_entry.id   7WH1
#
_cell.length_a   148.756
_cell.length_b   148.756
_cell.length_c   136.294
_cell.angle_alpha   90.000
_cell.angle_beta   90.000
_cell.angle_gamma   90.000
#
_symmetry.space_group_name_H-M   'I 41 2 2'
#
loop_
_entity.id
_entity.type
_entity.pdbx_description
1 polymer "Beta-Carotene 15,15'-MonoOxygenase"
2 non-polymer 'FE (III) ION'
3 non-polymer GLYCEROL
4 non-polymer 'SULFATE ION'
5 non-polymer IMIDAZOLE
6 water water
#
_entity_poly.entity_id   1
_entity_poly.type   'polypeptide(L)'
_entity_poly.pdbx_seq_one_letter_code
;MGSSHHHHHHSSGLVPRGSHMEKEGFARLFHNFDNVIEPKLCSTSGSVPSYLKGTMLRNGPGMFEIGDTKYQHWFDGMGF
IQRYHFEDGKMYYSARYLESENYKKNMEAQRIVTGSFGTASFPDPCKSIFSRFFSSFVQSEGIHDNANVAFAPVGDGLYA
CTETPNMHRVDLDSLDTLEPVDFSKYVALHTCTAHQLFDENGDVYNIGSRFGPDAAHVFTVTKNPKNLQSDSDRSWEHTT
KIGEIRCSETFYPTYMHSFGMSENYLIMFESPIRIDIKKFIMKRFITTTFRDCMKWHADKDVKIFILNKKTGEQVPLKLK
MAPFFTFHHANTFERDGCLVVDYCRIEQAGNFDALLIENMKTGNFQNDALFLPYLTRVIIPLSIPDGAQPGDDLLKPLGW
AKGCSAIFQDDGKIRLKEKRVCDISMEFPRYHWEKINMKPYNYVYGSSVLGAQKSETLPGIVKADLENGDHKVWRRENDK
QICGEPIFVPNPEGVREDDGILIVPVMTISDGQRPFVLILEAKNLTEIARYTIPEARIPLGFHAFYQGRT
;
_entity_poly.pdbx_strand_id   A
#
# COMPACT_ATOMS: atom_id res chain seq x y z
N MET A 21 25.02 -13.78 10.50
CA MET A 21 24.41 -12.46 10.38
C MET A 21 25.44 -11.34 10.57
N GLU A 22 25.43 -10.39 9.64
CA GLU A 22 26.37 -9.29 9.67
C GLU A 22 26.08 -8.37 10.85
N LYS A 23 27.14 -7.71 11.33
CA LYS A 23 26.95 -6.67 12.35
C LYS A 23 26.24 -5.46 11.77
N GLU A 24 26.44 -5.18 10.48
CA GLU A 24 25.94 -3.96 9.83
C GLU A 24 25.35 -4.29 8.47
N GLY A 25 24.40 -3.46 8.04
CA GLY A 25 23.93 -3.46 6.68
C GLY A 25 22.51 -4.00 6.54
N PHE A 26 21.92 -3.70 5.38
CA PHE A 26 20.60 -4.21 5.04
C PHE A 26 20.55 -5.73 4.97
N ALA A 27 21.68 -6.39 4.70
CA ALA A 27 21.69 -7.84 4.69
C ALA A 27 21.19 -8.43 6.00
N ARG A 28 21.35 -7.69 7.11
CA ARG A 28 20.82 -8.16 8.38
C ARG A 28 19.33 -8.46 8.30
N LEU A 29 18.58 -7.65 7.54
CA LEU A 29 17.13 -7.75 7.53
C LEU A 29 16.63 -8.84 6.60
N PHE A 30 17.52 -9.53 5.89
CA PHE A 30 17.12 -10.61 5.00
C PHE A 30 17.52 -11.98 5.50
N HIS A 31 17.99 -12.08 6.74
CA HIS A 31 18.04 -13.37 7.40
C HIS A 31 16.66 -13.69 7.95
N ASN A 32 16.31 -14.98 7.99
CA ASN A 32 14.98 -15.39 8.45
C ASN A 32 14.69 -14.81 9.83
N PHE A 33 13.43 -14.42 10.04
CA PHE A 33 12.95 -14.03 11.35
C PHE A 33 12.41 -15.24 12.10
N ASP A 34 12.54 -15.21 13.43
CA ASP A 34 11.99 -16.22 14.32
C ASP A 34 10.69 -15.71 14.95
N ASN A 35 9.76 -16.63 15.18
CA ASN A 35 8.54 -16.27 15.90
C ASN A 35 8.88 -15.72 17.29
N VAL A 36 8.09 -14.74 17.73
CA VAL A 36 8.15 -14.21 19.09
C VAL A 36 6.74 -14.38 19.67
N ILE A 37 6.56 -15.45 20.46
CA ILE A 37 5.22 -15.89 20.83
C ILE A 37 4.67 -15.09 22.01
N GLU A 38 5.42 -15.02 23.10
CA GLU A 38 4.93 -14.30 24.27
C GLU A 38 5.18 -12.81 24.11
N PRO A 39 4.14 -11.97 24.15
CA PRO A 39 4.35 -10.53 23.98
C PRO A 39 5.36 -9.99 24.98
N LYS A 40 6.31 -9.23 24.46
CA LYS A 40 7.44 -8.73 25.24
C LYS A 40 7.20 -7.26 25.59
N LEU A 41 7.29 -6.96 26.89
CA LEU A 41 7.19 -5.58 27.33
C LEU A 41 8.37 -4.79 26.78
N CYS A 42 8.07 -3.68 26.12
CA CYS A 42 9.09 -2.82 25.56
C CYS A 42 9.46 -1.73 26.56
N SER A 43 10.63 -1.14 26.33
CA SER A 43 11.12 -0.07 27.19
C SER A 43 10.53 1.26 26.75
N THR A 44 9.91 1.98 27.69
CA THR A 44 9.23 3.24 27.43
C THR A 44 10.14 4.43 27.72
N SER A 45 10.11 5.42 26.83
CA SER A 45 10.56 6.76 27.16
C SER A 45 9.48 7.74 26.73
N GLY A 46 9.48 8.93 27.36
CA GLY A 46 8.41 9.85 27.04
C GLY A 46 7.09 9.41 27.63
N SER A 47 6.01 9.88 27.03
CA SER A 47 4.67 9.48 27.45
C SER A 47 3.69 9.70 26.30
N VAL A 48 2.60 8.94 26.34
CA VAL A 48 1.61 8.99 25.26
C VAL A 48 0.29 9.45 25.85
N PRO A 49 -0.57 10.06 25.05
CA PRO A 49 -1.88 10.46 25.54
C PRO A 49 -2.78 9.25 25.77
N SER A 50 -3.85 9.49 26.53
CA SER A 50 -4.73 8.40 26.96
C SER A 50 -5.39 7.70 25.78
N TYR A 51 -5.53 8.35 24.64
CA TYR A 51 -6.24 7.72 23.52
C TYR A 51 -5.35 6.80 22.69
N LEU A 52 -4.07 6.65 23.01
CA LEU A 52 -3.28 5.60 22.37
C LEU A 52 -3.56 4.31 23.13
N LYS A 53 -4.57 3.58 22.67
CA LYS A 53 -4.99 2.33 23.30
C LYS A 53 -5.54 1.46 22.18
N GLY A 54 -4.80 0.43 21.82
CA GLY A 54 -5.16 -0.35 20.66
C GLY A 54 -4.00 -1.23 20.25
N THR A 55 -4.16 -1.81 19.06
CA THR A 55 -3.23 -2.81 18.57
C THR A 55 -2.92 -2.51 17.11
N MET A 56 -1.64 -2.43 16.79
CA MET A 56 -1.17 -2.30 15.41
C MET A 56 -0.61 -3.64 14.95
N LEU A 57 -1.14 -4.16 13.85
CA LEU A 57 -0.60 -5.31 13.17
C LEU A 57 0.18 -4.82 11.95
N ARG A 58 1.35 -5.39 11.74
CA ARG A 58 2.22 -4.98 10.63
C ARG A 58 2.56 -6.21 9.82
N ASN A 59 2.36 -6.12 8.51
CA ASN A 59 2.60 -7.25 7.63
C ASN A 59 3.89 -7.04 6.85
N GLY A 60 4.44 -8.13 6.35
CA GLY A 60 5.63 -8.06 5.53
C GLY A 60 6.31 -9.40 5.46
N PRO A 61 7.42 -9.46 4.72
CA PRO A 61 8.15 -10.73 4.57
C PRO A 61 9.10 -10.98 5.73
N GLY A 62 9.18 -12.25 6.13
CA GLY A 62 10.06 -12.60 7.22
C GLY A 62 11.01 -13.75 6.93
N MET A 63 10.65 -14.63 6.00
CA MET A 63 11.45 -15.82 5.72
C MET A 63 11.90 -15.76 4.26
N PHE A 64 13.22 -15.68 4.06
CA PHE A 64 13.77 -15.45 2.74
C PHE A 64 14.50 -16.68 2.18
N GLU A 65 14.68 -17.70 2.99
CA GLU A 65 15.26 -18.93 2.48
C GLU A 65 14.64 -20.08 3.24
N ILE A 66 14.40 -21.18 2.53
CA ILE A 66 13.82 -22.39 3.12
C ILE A 66 14.68 -23.55 2.63
N GLY A 67 15.35 -24.22 3.56
CA GLY A 67 16.26 -25.29 3.17
C GLY A 67 17.33 -24.74 2.24
N ASP A 68 17.51 -25.40 1.11
CA ASP A 68 18.52 -25.02 0.13
C ASP A 68 18.00 -24.10 -0.95
N THR A 69 16.82 -23.50 -0.76
CA THR A 69 16.23 -22.63 -1.76
C THR A 69 16.00 -21.25 -1.17
N LYS A 70 16.21 -20.22 -1.99
CA LYS A 70 16.12 -18.83 -1.55
C LYS A 70 15.14 -18.08 -2.45
N TYR A 71 14.44 -17.12 -1.85
CA TYR A 71 13.60 -16.21 -2.61
C TYR A 71 14.45 -15.16 -3.31
N GLN A 72 13.96 -14.68 -4.46
CA GLN A 72 14.68 -13.69 -5.26
C GLN A 72 14.32 -12.26 -4.92
N HIS A 73 13.04 -12.00 -4.60
CA HIS A 73 12.55 -10.63 -4.56
C HIS A 73 12.06 -10.28 -3.16
N TRP A 74 12.20 -9.00 -2.80
CA TRP A 74 11.65 -8.49 -1.54
C TRP A 74 10.20 -8.91 -1.31
N PHE A 75 9.37 -8.88 -2.36
CA PHE A 75 7.95 -9.16 -2.23
C PHE A 75 7.65 -10.63 -1.97
N ASP A 76 8.65 -11.51 -2.05
CA ASP A 76 8.42 -12.96 -2.02
C ASP A 76 8.36 -13.59 -0.63
N GLY A 77 8.99 -12.99 0.38
CA GLY A 77 9.24 -13.71 1.61
C GLY A 77 7.96 -14.08 2.34
N MET A 78 8.05 -15.16 3.12
CA MET A 78 6.85 -15.67 3.79
C MET A 78 6.34 -14.63 4.78
N GLY A 79 5.03 -14.40 4.76
CA GLY A 79 4.42 -13.37 5.59
C GLY A 79 4.68 -13.58 7.07
N PHE A 80 5.14 -12.51 7.72
CA PHE A 80 5.58 -12.55 9.11
C PHE A 80 4.98 -11.33 9.79
N ILE A 81 3.94 -11.55 10.59
CA ILE A 81 3.10 -10.47 11.10
C ILE A 81 3.57 -10.10 12.50
N GLN A 82 3.80 -8.81 12.75
CA GLN A 82 4.16 -8.33 14.08
C GLN A 82 2.97 -7.63 14.72
N ARG A 83 2.90 -7.74 16.05
CA ARG A 83 1.83 -7.14 16.84
C ARG A 83 2.46 -6.13 17.80
N TYR A 84 2.05 -4.87 17.69
CA TYR A 84 2.47 -3.80 18.58
C TYR A 84 1.23 -3.40 19.35
N HIS A 85 1.18 -3.78 20.62
CA HIS A 85 -0.02 -3.63 21.41
C HIS A 85 0.20 -2.51 22.43
N PHE A 86 -0.70 -1.55 22.46
CA PHE A 86 -0.57 -0.36 23.30
C PHE A 86 -1.61 -0.40 24.41
N GLU A 87 -1.14 -0.42 25.65
CA GLU A 87 -2.03 -0.51 26.79
C GLU A 87 -1.34 0.10 28.00
N ASP A 88 -2.10 0.85 28.80
CA ASP A 88 -1.60 1.37 30.08
C ASP A 88 -0.28 2.14 29.91
N GLY A 89 -0.12 2.82 28.78
CA GLY A 89 1.08 3.58 28.51
C GLY A 89 2.29 2.76 28.10
N LYS A 90 2.14 1.44 27.95
CA LYS A 90 3.22 0.56 27.57
C LYS A 90 2.96 0.00 26.17
N MET A 91 4.00 -0.62 25.59
CA MET A 91 3.86 -1.33 24.33
C MET A 91 4.39 -2.75 24.48
N TYR A 92 3.72 -3.70 23.86
CA TYR A 92 4.11 -5.11 23.90
C TYR A 92 4.32 -5.59 22.48
N TYR A 93 5.37 -6.39 22.28
CA TYR A 93 5.77 -6.84 20.94
C TYR A 93 5.70 -8.36 20.84
N SER A 94 5.06 -8.85 19.78
CA SER A 94 5.08 -10.28 19.46
C SER A 94 5.00 -10.40 17.95
N ALA A 95 5.28 -11.60 17.43
CA ALA A 95 5.34 -11.74 15.97
C ALA A 95 5.27 -13.20 15.57
N ARG A 96 4.52 -13.49 14.50
CA ARG A 96 4.34 -14.88 14.08
C ARG A 96 4.19 -14.97 12.58
N TYR A 97 4.70 -16.05 11.99
CA TYR A 97 4.43 -16.34 10.58
C TYR A 97 2.95 -16.61 10.36
N LEU A 98 2.43 -16.04 9.27
CA LEU A 98 1.13 -16.46 8.76
C LEU A 98 1.18 -17.92 8.35
N GLU A 99 0.29 -18.74 8.89
CA GLU A 99 0.28 -20.15 8.55
C GLU A 99 -0.66 -20.40 7.36
N SER A 100 -0.26 -19.82 6.23
CA SER A 100 -0.95 -20.03 4.95
C SER A 100 -0.71 -21.44 4.45
N GLU A 101 -1.47 -21.83 3.43
CA GLU A 101 -1.22 -23.12 2.79
C GLU A 101 0.17 -23.14 2.19
N ASN A 102 0.58 -22.03 1.55
CA ASN A 102 1.93 -21.93 1.00
C ASN A 102 2.97 -22.14 2.10
N TYR A 103 2.83 -21.40 3.20
CA TYR A 103 3.76 -21.56 4.32
C TYR A 103 3.80 -23.01 4.79
N LYS A 104 2.63 -23.62 4.97
CA LYS A 104 2.60 -24.98 5.51
C LYS A 104 3.20 -25.99 4.54
N LYS A 105 2.94 -25.82 3.24
CA LYS A 105 3.53 -26.71 2.25
C LYS A 105 5.05 -26.51 2.16
N ASN A 106 5.50 -25.26 2.14
CA ASN A 106 6.94 -25.00 2.12
C ASN A 106 7.63 -25.55 3.36
N MET A 107 7.02 -25.36 4.53
CA MET A 107 7.67 -25.81 5.76
C MET A 107 7.75 -27.34 5.80
N GLU A 108 6.72 -28.02 5.32
CA GLU A 108 6.75 -29.48 5.30
C GLU A 108 7.82 -29.98 4.33
N ALA A 109 7.85 -29.42 3.12
CA ALA A 109 8.87 -29.80 2.14
C ALA A 109 10.26 -29.31 2.53
N GLN A 110 10.34 -28.31 3.41
CA GLN A 110 11.61 -27.65 3.74
C GLN A 110 12.30 -27.13 2.48
N ARG A 111 11.51 -26.62 1.54
CA ARG A 111 12.01 -25.90 0.38
C ARG A 111 10.88 -25.07 -0.18
N ILE A 112 11.24 -24.12 -1.05
CA ILE A 112 10.25 -23.22 -1.65
C ILE A 112 9.54 -24.01 -2.75
N VAL A 113 8.33 -24.48 -2.43
CA VAL A 113 7.61 -25.43 -3.26
C VAL A 113 6.41 -24.79 -3.94
N THR A 114 6.05 -23.56 -3.56
CA THR A 114 4.95 -22.83 -4.15
C THR A 114 5.48 -21.51 -4.71
N GLY A 115 4.85 -21.02 -5.76
CA GLY A 115 5.34 -19.84 -6.44
C GLY A 115 5.10 -18.56 -5.67
N SER A 116 5.75 -17.49 -6.12
CA SER A 116 5.64 -16.18 -5.52
C SER A 116 5.83 -15.13 -6.61
N PHE A 117 5.73 -13.86 -6.19
CA PHE A 117 5.83 -12.74 -7.13
C PHE A 117 7.04 -12.88 -8.05
N GLY A 118 8.23 -13.08 -7.47
CA GLY A 118 9.46 -13.06 -8.23
C GLY A 118 10.32 -14.31 -8.15
N THR A 119 9.80 -15.40 -7.59
CA THR A 119 10.53 -16.65 -7.48
C THR A 119 9.69 -17.79 -8.01
N ALA A 120 10.27 -18.62 -8.87
CA ALA A 120 9.58 -19.80 -9.36
C ALA A 120 9.59 -20.90 -8.29
N SER A 121 8.57 -21.75 -8.32
CA SER A 121 8.54 -22.93 -7.47
C SER A 121 9.73 -23.84 -7.78
N PHE A 122 10.21 -24.53 -6.76
CA PHE A 122 11.28 -25.50 -6.92
C PHE A 122 10.73 -26.93 -6.89
N ILE A 143 -2.49 -22.52 -5.74
CA ILE A 143 -2.95 -21.59 -4.72
C ILE A 143 -1.81 -20.68 -4.29
N HIS A 144 -2.03 -19.36 -4.39
CA HIS A 144 -1.07 -18.35 -3.95
C HIS A 144 -1.72 -17.58 -2.82
N ASP A 145 -1.38 -17.93 -1.58
CA ASP A 145 -2.04 -17.34 -0.43
C ASP A 145 -1.03 -16.82 0.58
N ASN A 146 0.17 -16.46 0.12
CA ASN A 146 1.16 -15.84 1.00
C ASN A 146 0.80 -14.37 1.19
N ALA A 147 -0.13 -14.12 2.09
CA ALA A 147 -0.76 -12.80 2.26
C ALA A 147 0.15 -11.94 3.16
N ASN A 148 1.21 -11.39 2.55
CA ASN A 148 2.28 -10.74 3.29
C ASN A 148 2.30 -9.22 3.11
N VAL A 149 1.23 -8.62 2.60
CA VAL A 149 1.28 -7.21 2.18
C VAL A 149 0.60 -6.26 3.17
N ALA A 150 -0.66 -6.53 3.51
CA ALA A 150 -1.48 -5.57 4.25
C ALA A 150 -2.67 -6.31 4.85
N PHE A 151 -3.61 -5.55 5.44
CA PHE A 151 -4.80 -6.09 6.07
C PHE A 151 -6.03 -5.32 5.61
N ALA A 152 -7.15 -6.03 5.42
CA ALA A 152 -8.42 -5.43 5.06
C ALA A 152 -9.43 -5.68 6.17
N PRO A 153 -10.07 -4.64 6.71
CA PRO A 153 -11.10 -4.85 7.72
C PRO A 153 -12.47 -5.09 7.10
N VAL A 154 -13.13 -6.19 7.46
CA VAL A 154 -14.49 -6.47 7.01
C VAL A 154 -15.29 -6.80 8.26
N GLY A 155 -16.26 -5.94 8.60
CA GLY A 155 -16.98 -6.10 9.85
C GLY A 155 -16.03 -6.00 11.03
N ASP A 156 -16.13 -6.96 11.96
CA ASP A 156 -15.22 -7.01 13.09
C ASP A 156 -13.97 -7.87 12.81
N GLY A 157 -13.76 -8.29 11.56
CA GLY A 157 -12.62 -9.13 11.24
C GLY A 157 -11.51 -8.43 10.48
N LEU A 158 -10.28 -8.95 10.59
CA LEU A 158 -9.12 -8.37 9.92
C LEU A 158 -8.48 -9.45 9.07
N TYR A 159 -8.31 -9.16 7.77
CA TYR A 159 -7.90 -10.17 6.81
C TYR A 159 -6.54 -9.80 6.22
N ALA A 160 -5.56 -10.68 6.44
CA ALA A 160 -4.27 -10.51 5.78
C ALA A 160 -4.45 -10.76 4.29
N CYS A 161 -3.85 -9.89 3.47
CA CYS A 161 -4.01 -9.93 2.03
C CYS A 161 -2.68 -9.84 1.31
N THR A 162 -2.63 -10.47 0.13
CA THR A 162 -1.66 -10.10 -0.90
C THR A 162 -2.45 -9.76 -2.16
N GLU A 163 -1.77 -9.70 -3.30
CA GLU A 163 -2.45 -9.32 -4.54
C GLU A 163 -3.11 -10.50 -5.24
N THR A 164 -3.68 -11.41 -4.47
CA THR A 164 -4.46 -12.53 -4.97
C THR A 164 -5.77 -12.56 -4.20
N PRO A 165 -6.78 -13.28 -4.70
CA PRO A 165 -8.04 -13.40 -3.95
C PRO A 165 -7.93 -14.17 -2.64
N ASN A 166 -6.78 -14.78 -2.31
CA ASN A 166 -6.71 -15.77 -1.23
C ASN A 166 -6.20 -15.12 0.05
N MET A 167 -7.13 -14.84 0.96
CA MET A 167 -6.88 -14.12 2.20
C MET A 167 -7.03 -15.05 3.40
N HIS A 168 -6.59 -14.57 4.56
CA HIS A 168 -6.77 -15.27 5.83
C HIS A 168 -7.17 -14.26 6.89
N ARG A 169 -8.20 -14.60 7.67
CA ARG A 169 -8.45 -13.82 8.87
C ARG A 169 -7.34 -14.09 9.87
N VAL A 170 -6.94 -13.06 10.60
CA VAL A 170 -5.90 -13.16 11.62
C VAL A 170 -6.47 -12.62 12.92
N ASP A 171 -6.09 -13.25 14.04
CA ASP A 171 -6.51 -12.76 15.36
C ASP A 171 -5.58 -11.65 15.83
N LEU A 172 -6.18 -10.52 16.22
CA LEU A 172 -5.41 -9.34 16.63
C LEU A 172 -4.57 -9.58 17.88
N ASP A 173 -4.91 -10.57 18.70
CA ASP A 173 -4.18 -10.82 19.94
C ASP A 173 -3.21 -11.98 19.81
N SER A 174 -3.70 -13.17 19.50
CA SER A 174 -2.87 -14.36 19.44
C SER A 174 -2.07 -14.48 18.15
N LEU A 175 -2.42 -13.69 17.13
CA LEU A 175 -1.80 -13.77 15.80
C LEU A 175 -2.02 -15.15 15.17
N ASP A 176 -3.00 -15.90 15.65
CA ASP A 176 -3.43 -17.12 14.98
C ASP A 176 -3.86 -16.81 13.56
N THR A 177 -3.57 -17.73 12.65
CA THR A 177 -4.12 -17.69 11.31
C THR A 177 -5.46 -18.43 11.33
N LEU A 178 -6.53 -17.72 11.00
CA LEU A 178 -7.85 -18.31 11.11
C LEU A 178 -8.36 -18.70 9.73
N GLU A 179 -9.64 -18.49 9.46
CA GLU A 179 -10.24 -19.09 8.27
C GLU A 179 -9.70 -18.46 6.99
N PRO A 180 -9.55 -19.24 5.93
CA PRO A 180 -9.26 -18.68 4.62
C PRO A 180 -10.51 -18.11 3.97
N VAL A 181 -10.31 -17.11 3.12
CA VAL A 181 -11.39 -16.57 2.30
C VAL A 181 -10.87 -16.46 0.88
N ASP A 182 -11.63 -16.98 -0.09
CA ASP A 182 -11.32 -16.85 -1.51
C ASP A 182 -12.26 -15.78 -2.08
N PHE A 183 -11.72 -14.58 -2.25
CA PHE A 183 -12.52 -13.45 -2.75
C PHE A 183 -13.11 -13.75 -4.12
N SER A 184 -12.44 -14.57 -4.93
CA SER A 184 -12.94 -14.87 -6.28
C SER A 184 -14.15 -15.80 -6.27
N LYS A 185 -14.56 -16.32 -5.12
CA LYS A 185 -15.86 -16.99 -5.05
C LYS A 185 -17.00 -16.04 -5.36
N TYR A 186 -16.82 -14.75 -5.10
CA TYR A 186 -17.89 -13.77 -5.26
C TYR A 186 -17.86 -13.05 -6.60
N VAL A 187 -16.68 -12.85 -7.16
CA VAL A 187 -16.47 -12.11 -8.40
C VAL A 187 -15.34 -12.80 -9.14
N ALA A 188 -15.54 -13.08 -10.42
CA ALA A 188 -14.52 -13.77 -11.21
C ALA A 188 -13.35 -12.83 -11.46
N LEU A 189 -12.17 -13.22 -10.99
CA LEU A 189 -10.97 -12.42 -11.20
C LEU A 189 -9.77 -13.30 -10.91
N HIS A 190 -8.61 -12.87 -11.42
CA HIS A 190 -7.36 -13.60 -11.22
C HIS A 190 -6.43 -12.92 -10.24
N THR A 191 -6.34 -11.59 -10.27
CA THR A 191 -5.60 -10.84 -9.28
C THR A 191 -6.50 -9.72 -8.76
N CYS A 192 -6.09 -9.13 -7.64
CA CYS A 192 -6.81 -7.99 -7.07
C CYS A 192 -5.86 -7.33 -6.10
N THR A 193 -6.08 -6.05 -5.82
CA THR A 193 -5.11 -5.38 -4.98
C THR A 193 -5.25 -5.82 -3.52
N ALA A 194 -4.18 -5.61 -2.76
CA ALA A 194 -4.17 -5.70 -1.31
C ALA A 194 -4.33 -4.33 -0.67
N HIS A 195 -4.87 -3.37 -1.42
CA HIS A 195 -5.13 -2.04 -0.90
C HIS A 195 -6.59 -1.69 -1.03
N GLN A 196 -7.47 -2.56 -0.53
CA GLN A 196 -8.90 -2.27 -0.49
C GLN A 196 -9.16 -1.00 0.30
N LEU A 197 -10.11 -0.21 -0.17
CA LEU A 197 -10.48 1.05 0.48
C LEU A 197 -11.86 0.90 1.09
N PHE A 198 -12.13 1.71 2.12
CA PHE A 198 -13.40 1.59 2.81
C PHE A 198 -13.93 2.96 3.17
N ASP A 199 -15.22 3.02 3.44
CA ASP A 199 -15.91 4.29 3.72
C ASP A 199 -16.44 4.27 5.16
N GLU A 200 -17.24 5.31 5.49
CA GLU A 200 -17.71 5.46 6.86
C GLU A 200 -18.63 4.33 7.27
N ASN A 201 -19.31 3.72 6.31
CA ASN A 201 -20.21 2.61 6.59
C ASN A 201 -19.48 1.29 6.73
N GLY A 202 -18.17 1.28 6.50
CA GLY A 202 -17.43 0.04 6.53
C GLY A 202 -17.56 -0.79 5.28
N ASP A 203 -18.13 -0.25 4.22
CA ASP A 203 -18.15 -0.96 2.94
C ASP A 203 -16.75 -0.94 2.34
N VAL A 204 -16.35 -2.06 1.75
CA VAL A 204 -14.96 -2.27 1.31
C VAL A 204 -14.95 -2.39 -0.20
N TYR A 205 -14.09 -1.60 -0.86
CA TYR A 205 -14.03 -1.56 -2.32
C TYR A 205 -12.69 -2.07 -2.80
N ASN A 206 -12.69 -2.73 -3.95
CA ASN A 206 -11.43 -3.19 -4.53
C ASN A 206 -11.52 -3.16 -6.05
N ILE A 207 -10.36 -3.28 -6.68
CA ILE A 207 -10.28 -3.49 -8.12
C ILE A 207 -9.43 -4.72 -8.35
N GLY A 208 -9.91 -5.62 -9.21
CA GLY A 208 -9.15 -6.78 -9.60
C GLY A 208 -9.00 -6.81 -11.11
N SER A 209 -8.31 -7.85 -11.58
CA SER A 209 -8.12 -8.02 -13.01
C SER A 209 -8.56 -9.42 -13.40
N ARG A 210 -9.39 -9.49 -14.43
CA ARG A 210 -9.82 -10.76 -15.02
C ARG A 210 -9.10 -10.89 -16.36
N PHE A 211 -8.24 -11.88 -16.46
CA PHE A 211 -7.51 -12.11 -17.70
C PHE A 211 -8.35 -12.97 -18.64
N GLY A 212 -7.95 -13.01 -19.90
CA GLY A 212 -8.66 -13.76 -20.91
C GLY A 212 -8.83 -12.93 -22.17
N PRO A 213 -9.58 -13.43 -23.15
CA PRO A 213 -9.89 -12.59 -24.34
C PRO A 213 -10.75 -11.40 -23.98
N ASP A 214 -11.39 -11.46 -22.84
CA ASP A 214 -12.32 -10.51 -22.28
C ASP A 214 -11.66 -9.48 -21.37
N ALA A 215 -10.33 -9.43 -21.34
CA ALA A 215 -9.61 -8.95 -20.14
C ALA A 215 -10.15 -7.61 -19.66
N ALA A 216 -10.40 -7.52 -18.36
CA ALA A 216 -11.02 -6.32 -17.80
C ALA A 216 -10.62 -6.15 -16.35
N HIS A 217 -10.63 -4.89 -15.91
CA HIS A 217 -10.51 -4.56 -14.50
C HIS A 217 -11.92 -4.52 -13.92
N VAL A 218 -12.12 -5.29 -12.86
CA VAL A 218 -13.42 -5.46 -12.23
C VAL A 218 -13.43 -4.69 -10.92
N PHE A 219 -14.46 -3.89 -10.71
CA PHE A 219 -14.60 -3.03 -9.54
C PHE A 219 -15.62 -3.66 -8.62
N THR A 220 -15.28 -3.79 -7.33
CA THR A 220 -16.09 -4.57 -6.40
C THR A 220 -16.42 -3.75 -5.16
N VAL A 221 -17.53 -4.11 -4.51
CA VAL A 221 -17.90 -3.56 -3.21
C VAL A 221 -18.32 -4.72 -2.31
N THR A 222 -17.82 -4.72 -1.08
CA THR A 222 -18.21 -5.69 -0.07
C THR A 222 -18.94 -4.91 1.03
N LYS A 223 -20.24 -5.16 1.18
CA LYS A 223 -21.01 -4.44 2.18
C LYS A 223 -20.65 -4.94 3.57
N ASN A 224 -20.61 -4.01 4.52
CA ASN A 224 -20.32 -4.32 5.92
C ASN A 224 -21.30 -5.37 6.43
N PRO A 225 -20.84 -6.57 6.83
CA PRO A 225 -21.78 -7.60 7.30
C PRO A 225 -22.44 -7.27 8.61
N LYS A 226 -21.94 -6.29 9.37
CA LYS A 226 -22.61 -5.91 10.61
C LYS A 226 -23.92 -5.17 10.36
N ASN A 227 -24.07 -4.53 9.20
CA ASN A 227 -25.23 -3.71 8.89
C ASN A 227 -26.27 -4.45 8.07
N LEU A 228 -26.08 -5.75 7.85
CA LEU A 228 -27.01 -6.58 7.08
C LEU A 228 -27.10 -7.94 7.76
N GLN A 229 -28.15 -8.69 7.40
CA GLN A 229 -28.22 -10.08 7.83
C GLN A 229 -27.12 -10.87 7.15
N SER A 230 -26.19 -11.42 7.94
CA SER A 230 -25.04 -12.13 7.41
C SER A 230 -24.79 -13.39 8.22
N ASP A 231 -23.93 -14.26 7.67
CA ASP A 231 -23.50 -15.46 8.40
C ASP A 231 -22.73 -15.10 9.66
N SER A 232 -22.00 -13.99 9.64
CA SER A 232 -21.22 -13.55 10.79
C SER A 232 -20.93 -12.06 10.61
N ASP A 233 -20.44 -11.44 11.68
CA ASP A 233 -20.09 -10.03 11.62
C ASP A 233 -18.77 -9.77 10.92
N ARG A 234 -18.17 -10.80 10.33
CA ARG A 234 -16.94 -10.64 9.55
C ARG A 234 -17.05 -11.27 8.18
N SER A 235 -18.27 -11.56 7.73
CA SER A 235 -18.50 -12.26 6.47
C SER A 235 -18.27 -11.37 5.26
N TRP A 236 -17.62 -11.92 4.22
CA TRP A 236 -17.45 -11.26 2.93
C TRP A 236 -18.62 -11.50 1.98
N GLU A 237 -19.73 -12.07 2.47
CA GLU A 237 -20.75 -12.61 1.56
C GLU A 237 -21.43 -11.52 0.72
N HIS A 238 -21.51 -10.29 1.22
CA HIS A 238 -22.21 -9.26 0.47
C HIS A 238 -21.29 -8.54 -0.52
N THR A 239 -20.62 -9.33 -1.36
CA THR A 239 -19.67 -8.82 -2.36
C THR A 239 -20.28 -8.91 -3.75
N THR A 240 -20.26 -7.80 -4.49
CA THR A 240 -20.77 -7.77 -5.85
C THR A 240 -19.80 -6.99 -6.73
N LYS A 241 -19.92 -7.21 -8.05
CA LYS A 241 -19.19 -6.44 -9.04
C LYS A 241 -19.97 -5.18 -9.36
N ILE A 242 -19.38 -4.02 -9.10
CA ILE A 242 -19.98 -2.73 -9.45
C ILE A 242 -20.01 -2.55 -10.96
N GLY A 243 -18.92 -2.92 -11.62
CA GLY A 243 -18.79 -2.72 -13.05
C GLY A 243 -17.41 -3.16 -13.46
N GLU A 244 -17.12 -3.00 -14.75
CA GLU A 244 -15.78 -3.35 -15.23
C GLU A 244 -15.40 -2.47 -16.41
N ILE A 245 -14.10 -2.34 -16.61
CA ILE A 245 -13.52 -1.55 -17.69
C ILE A 245 -12.51 -2.43 -18.41
N ARG A 246 -12.69 -2.61 -19.72
CA ARG A 246 -11.78 -3.46 -20.49
C ARG A 246 -10.37 -2.89 -20.49
N CYS A 247 -9.38 -3.78 -20.35
CA CYS A 247 -7.99 -3.39 -20.60
C CYS A 247 -7.84 -2.91 -22.03
N SER A 248 -7.01 -1.88 -22.22
CA SER A 248 -6.77 -1.39 -23.58
C SER A 248 -6.21 -2.46 -24.49
N GLU A 249 -5.29 -3.26 -23.96
CA GLU A 249 -4.62 -4.32 -24.73
C GLU A 249 -4.86 -5.62 -23.98
N THR A 250 -5.68 -6.49 -24.59
CA THR A 250 -6.11 -7.71 -23.92
C THR A 250 -4.93 -8.55 -23.45
N PHE A 251 -3.86 -8.59 -24.23
CA PHE A 251 -2.74 -9.43 -23.82
C PHE A 251 -1.70 -8.68 -23.01
N TYR A 252 -1.93 -7.41 -22.69
CA TYR A 252 -1.02 -6.61 -21.87
C TYR A 252 -1.81 -5.77 -20.88
N PRO A 253 -2.53 -6.40 -19.95
CA PRO A 253 -3.17 -5.63 -18.88
C PRO A 253 -2.13 -4.95 -18.01
N THR A 254 -2.49 -3.79 -17.46
CA THR A 254 -1.59 -3.12 -16.54
C THR A 254 -1.42 -3.92 -15.26
N TYR A 255 -0.22 -3.83 -14.69
CA TYR A 255 -0.03 -4.17 -13.30
C TYR A 255 -0.62 -3.05 -12.44
N MET A 256 -1.24 -3.39 -11.31
CA MET A 256 -1.84 -2.37 -10.46
C MET A 256 -1.57 -2.74 -9.00
N HIS A 257 -1.09 -1.77 -8.24
CA HIS A 257 -0.84 -1.98 -6.82
C HIS A 257 -1.89 -1.31 -5.95
N SER A 258 -2.40 -0.14 -6.34
CA SER A 258 -3.45 0.51 -5.59
C SER A 258 -4.29 1.38 -6.53
N PHE A 259 -5.27 2.07 -5.95
CA PHE A 259 -6.22 2.87 -6.71
C PHE A 259 -6.78 3.91 -5.76
N GLY A 260 -7.56 4.84 -6.30
CA GLY A 260 -8.13 5.92 -5.51
C GLY A 260 -9.65 5.79 -5.43
N MET A 261 -10.22 6.33 -4.35
CA MET A 261 -11.66 6.32 -4.18
C MET A 261 -12.11 7.67 -3.63
N SER A 262 -13.06 8.29 -4.33
CA SER A 262 -13.73 9.48 -3.85
C SER A 262 -15.14 9.12 -3.40
N GLU A 263 -15.95 10.15 -3.13
CA GLU A 263 -17.32 9.89 -2.68
C GLU A 263 -18.10 9.10 -3.73
N ASN A 264 -17.92 9.45 -5.01
CA ASN A 264 -18.69 8.85 -6.09
C ASN A 264 -17.88 8.01 -7.06
N TYR A 265 -16.55 8.01 -6.99
CA TYR A 265 -15.75 7.42 -8.06
C TYR A 265 -14.65 6.51 -7.51
N LEU A 266 -14.30 5.52 -8.33
CA LEU A 266 -13.10 4.71 -8.18
C LEU A 266 -12.20 5.02 -9.38
N ILE A 267 -10.92 5.27 -9.13
CA ILE A 267 -10.02 5.68 -10.21
C ILE A 267 -8.76 4.83 -10.17
N MET A 268 -8.30 4.41 -11.36
CA MET A 268 -7.07 3.65 -11.48
C MET A 268 -6.29 4.15 -12.67
N PHE A 269 -4.97 3.97 -12.63
CA PHE A 269 -4.10 4.27 -13.76
C PHE A 269 -3.84 3.00 -14.55
N GLU A 270 -3.97 3.08 -15.88
CA GLU A 270 -3.44 2.02 -16.73
C GLU A 270 -1.98 2.36 -16.97
N SER A 271 -1.11 1.78 -16.14
CA SER A 271 0.30 2.14 -16.09
C SER A 271 1.06 1.50 -17.24
N PRO A 272 2.27 2.00 -17.54
CA PRO A 272 3.09 1.35 -18.58
C PRO A 272 3.62 -0.01 -18.18
N ILE A 273 3.55 -0.39 -16.91
CA ILE A 273 4.01 -1.71 -16.50
C ILE A 273 2.91 -2.70 -16.85
N ARG A 274 3.17 -3.58 -17.83
CA ARG A 274 2.15 -4.47 -18.35
C ARG A 274 2.53 -5.92 -18.09
N ILE A 275 1.53 -6.73 -17.75
CA ILE A 275 1.68 -8.17 -17.61
C ILE A 275 1.56 -8.80 -18.99
N ASP A 276 2.59 -9.53 -19.40
CA ASP A 276 2.61 -10.23 -20.69
C ASP A 276 1.83 -11.53 -20.49
N ILE A 277 0.53 -11.49 -20.82
CA ILE A 277 -0.34 -12.60 -20.45
C ILE A 277 0.01 -13.87 -21.22
N LYS A 278 0.37 -13.74 -22.49
CA LYS A 278 0.71 -14.94 -23.26
C LYS A 278 1.94 -15.64 -22.67
N LYS A 279 2.92 -14.87 -22.21
CA LYS A 279 4.08 -15.47 -21.57
C LYS A 279 3.70 -16.09 -20.23
N PHE A 280 2.83 -15.39 -19.49
CA PHE A 280 2.49 -15.82 -18.14
C PHE A 280 1.70 -17.13 -18.14
N ILE A 281 0.81 -17.32 -19.11
CA ILE A 281 0.02 -18.54 -19.09
C ILE A 281 0.90 -19.76 -19.32
N MET A 282 2.11 -19.58 -19.84
CA MET A 282 3.04 -20.67 -20.07
C MET A 282 4.02 -20.89 -18.92
N LYS A 283 3.78 -20.26 -17.76
CA LYS A 283 4.83 -20.13 -16.75
C LYS A 283 5.33 -21.47 -16.23
N ARG A 284 4.48 -22.49 -16.18
CA ARG A 284 4.91 -23.76 -15.63
C ARG A 284 5.69 -24.60 -16.63
N PHE A 285 5.75 -24.17 -17.89
CA PHE A 285 6.57 -24.83 -18.90
C PHE A 285 7.92 -24.15 -19.07
N ILE A 286 8.02 -22.84 -18.87
CA ILE A 286 9.25 -22.09 -19.09
C ILE A 286 9.90 -21.64 -17.78
N THR A 287 9.40 -22.12 -16.64
CA THR A 287 9.96 -21.77 -15.33
C THR A 287 10.19 -20.25 -15.22
N THR A 288 9.11 -19.51 -15.31
CA THR A 288 9.20 -18.07 -15.19
C THR A 288 8.34 -17.63 -14.01
N THR A 289 8.31 -16.33 -13.76
CA THR A 289 7.59 -15.79 -12.63
C THR A 289 6.67 -14.68 -13.11
N PHE A 290 5.71 -14.34 -12.25
CA PHE A 290 4.82 -13.22 -12.52
C PHE A 290 5.62 -11.95 -12.79
N ARG A 291 6.59 -11.66 -11.91
CA ARG A 291 7.40 -10.46 -12.12
C ARG A 291 8.15 -10.50 -13.44
N ASP A 292 8.67 -11.68 -13.83
CA ASP A 292 9.42 -11.75 -15.06
CA ASP A 292 9.42 -11.82 -15.07
C ASP A 292 8.54 -11.68 -16.30
N CYS A 293 7.22 -11.74 -16.14
CA CYS A 293 6.29 -11.49 -17.24
C CYS A 293 5.85 -10.03 -17.31
N MET A 294 6.35 -9.19 -16.42
CA MET A 294 6.03 -7.76 -16.43
C MET A 294 7.16 -6.98 -17.10
N LYS A 295 6.80 -5.97 -17.89
CA LYS A 295 7.76 -5.03 -18.47
C LYS A 295 7.15 -3.65 -18.50
N TRP A 296 8.00 -2.63 -18.42
CA TRP A 296 7.56 -1.24 -18.54
C TRP A 296 7.57 -0.89 -20.02
N HIS A 297 6.39 -0.72 -20.62
CA HIS A 297 6.30 -0.45 -22.05
C HIS A 297 6.68 1.01 -22.25
N ALA A 298 7.90 1.24 -22.71
CA ALA A 298 8.50 2.57 -22.73
C ALA A 298 7.86 3.53 -23.71
N ASP A 299 6.99 3.08 -24.62
CA ASP A 299 6.39 3.97 -25.62
C ASP A 299 4.90 4.22 -25.39
N LYS A 300 4.37 3.87 -24.23
CA LYS A 300 2.94 3.97 -23.95
C LYS A 300 2.70 5.11 -22.97
N ASP A 301 1.70 5.94 -23.26
CA ASP A 301 1.25 6.89 -22.24
C ASP A 301 0.34 6.19 -21.23
N VAL A 302 0.13 6.85 -20.10
CA VAL A 302 -0.77 6.35 -19.07
C VAL A 302 -2.19 6.74 -19.43
N LYS A 303 -3.13 5.81 -19.31
CA LYS A 303 -4.54 6.12 -19.41
C LYS A 303 -5.14 6.09 -18.01
N ILE A 304 -6.18 6.90 -17.82
CA ILE A 304 -6.91 6.93 -16.55
C ILE A 304 -8.27 6.30 -16.76
N PHE A 305 -8.60 5.32 -15.91
CA PHE A 305 -9.92 4.69 -15.89
C PHE A 305 -10.67 5.15 -14.65
N ILE A 306 -11.91 5.61 -14.83
CA ILE A 306 -12.74 6.07 -13.73
C ILE A 306 -14.11 5.42 -13.82
N LEU A 307 -14.55 4.80 -12.74
CA LEU A 307 -15.88 4.22 -12.65
C LEU A 307 -16.70 4.96 -11.62
N ASN A 308 -17.95 5.24 -11.96
CA ASN A 308 -18.90 5.75 -10.98
C ASN A 308 -19.27 4.63 -10.01
N LYS A 309 -18.98 4.86 -8.73
CA LYS A 309 -19.20 3.87 -7.67
C LYS A 309 -20.66 3.47 -7.55
N LYS A 310 -21.57 4.39 -7.85
CA LYS A 310 -22.98 4.17 -7.57
C LYS A 310 -23.77 3.85 -8.83
N THR A 311 -23.39 4.42 -9.96
CA THR A 311 -24.01 4.08 -11.24
C THR A 311 -23.42 2.80 -11.82
N GLY A 312 -22.16 2.52 -11.54
CA GLY A 312 -21.46 1.44 -12.22
C GLY A 312 -21.00 1.79 -13.62
N GLU A 313 -21.15 3.03 -14.08
CA GLU A 313 -20.78 3.39 -15.44
C GLU A 313 -19.42 4.06 -15.46
N GLN A 314 -18.65 3.74 -16.48
CA GLN A 314 -17.37 4.39 -16.68
C GLN A 314 -17.57 5.85 -17.09
N VAL A 315 -16.74 6.74 -16.56
CA VAL A 315 -16.73 8.13 -17.02
C VAL A 315 -16.29 8.14 -18.49
N PRO A 316 -17.11 8.65 -19.40
CA PRO A 316 -16.83 8.53 -20.84
C PRO A 316 -15.87 9.59 -21.36
N LEU A 317 -14.66 9.61 -20.81
CA LEU A 317 -13.62 10.52 -21.27
C LEU A 317 -12.36 9.72 -21.58
N LYS A 318 -11.60 10.18 -22.56
CA LYS A 318 -10.30 9.60 -22.87
C LYS A 318 -9.23 10.47 -22.23
N LEU A 319 -8.56 9.93 -21.22
CA LEU A 319 -7.70 10.71 -20.32
C LEU A 319 -6.29 10.14 -20.38
N LYS A 320 -5.32 10.96 -20.81
CA LYS A 320 -3.96 10.48 -20.97
C LYS A 320 -2.98 11.35 -20.20
N MET A 321 -1.87 10.74 -19.74
CA MET A 321 -0.79 11.52 -19.17
C MET A 321 0.55 10.86 -19.48
N ALA A 322 1.63 11.59 -19.21
CA ALA A 322 2.96 11.08 -19.48
C ALA A 322 3.26 9.89 -18.56
N PRO A 323 4.13 8.96 -18.99
CA PRO A 323 4.33 7.71 -18.24
C PRO A 323 4.91 7.92 -16.85
N PHE A 324 4.48 7.05 -15.94
CA PHE A 324 4.91 7.00 -14.55
C PHE A 324 4.30 5.74 -13.95
N PHE A 325 4.76 5.40 -12.75
CA PHE A 325 4.12 4.35 -11.97
C PHE A 325 3.94 4.85 -10.54
N THR A 326 2.87 4.38 -9.89
CA THR A 326 2.70 4.64 -8.47
C THR A 326 2.36 3.35 -7.74
N PHE A 327 3.12 3.04 -6.68
CA PHE A 327 2.66 1.98 -5.79
C PHE A 327 1.43 2.43 -5.03
N HIS A 328 1.48 3.64 -4.46
CA HIS A 328 0.49 4.01 -3.44
C HIS A 328 -0.20 5.32 -3.77
N HIS A 329 -1.50 5.25 -3.96
CA HIS A 329 -2.37 6.41 -3.87
C HIS A 329 -2.43 6.93 -2.43
N ALA A 330 -2.57 8.25 -2.31
CA ALA A 330 -2.91 8.86 -1.03
C ALA A 330 -4.43 9.03 -0.99
N ASN A 331 -4.94 10.21 -0.63
CA ASN A 331 -6.38 10.43 -0.62
C ASN A 331 -6.87 10.86 -2.00
N THR A 332 -8.19 10.83 -2.19
CA THR A 332 -8.86 11.13 -3.46
C THR A 332 -10.17 11.85 -3.14
N PHE A 333 -10.48 12.93 -3.86
CA PHE A 333 -11.72 13.64 -3.55
C PHE A 333 -12.19 14.43 -4.77
N GLU A 334 -13.44 14.88 -4.69
CA GLU A 334 -14.10 15.62 -5.76
C GLU A 334 -14.18 17.09 -5.38
N ARG A 335 -13.94 17.96 -6.36
CA ARG A 335 -14.04 19.40 -6.12
C ARG A 335 -14.23 20.11 -7.46
N ASP A 336 -15.27 20.94 -7.54
CA ASP A 336 -15.54 21.79 -8.70
C ASP A 336 -15.63 20.99 -10.00
N GLY A 337 -16.34 19.87 -9.96
CA GLY A 337 -16.51 19.06 -11.16
C GLY A 337 -15.28 18.29 -11.57
N CYS A 338 -14.26 18.21 -10.72
CA CYS A 338 -13.05 17.47 -11.01
C CYS A 338 -12.82 16.39 -9.95
N LEU A 339 -12.03 15.39 -10.32
CA LEU A 339 -11.56 14.36 -9.41
C LEU A 339 -10.09 14.65 -9.10
N VAL A 340 -9.77 14.80 -7.82
CA VAL A 340 -8.41 15.13 -7.39
C VAL A 340 -7.74 13.87 -6.87
N VAL A 341 -6.61 13.51 -7.45
CA VAL A 341 -5.98 12.20 -7.23
C VAL A 341 -4.55 12.45 -6.77
N ASP A 342 -4.26 12.14 -5.50
CA ASP A 342 -2.90 12.26 -4.96
C ASP A 342 -2.24 10.89 -4.83
N TYR A 343 -0.93 10.84 -5.08
CA TYR A 343 -0.24 9.54 -5.17
C TYR A 343 1.26 9.79 -5.15
N CYS A 344 2.02 8.74 -4.83
CA CYS A 344 3.46 8.83 -4.79
C CYS A 344 3.98 8.38 -6.15
N ARG A 345 4.54 9.29 -6.90
CA ARG A 345 4.89 9.06 -8.30
C ARG A 345 6.34 8.60 -8.44
N ILE A 346 6.55 7.54 -9.21
CA ILE A 346 7.88 7.06 -9.58
C ILE A 346 8.09 7.26 -11.08
N GLU A 347 9.23 7.84 -11.44
CA GLU A 347 9.48 8.13 -12.85
C GLU A 347 9.68 6.85 -13.65
N GLN A 348 10.50 5.92 -13.13
CA GLN A 348 10.87 4.72 -13.86
C GLN A 348 11.12 3.61 -12.85
N ALA A 349 10.52 2.45 -13.07
CA ALA A 349 10.65 1.32 -12.16
C ALA A 349 10.95 0.01 -12.84
N GLY A 350 10.96 -0.04 -14.18
CA GLY A 350 11.17 -1.31 -14.86
C GLY A 350 10.10 -2.29 -14.41
N ASN A 351 10.51 -3.53 -14.12
CA ASN A 351 9.66 -4.50 -13.43
C ASN A 351 10.22 -4.80 -12.04
N PHE A 352 10.74 -3.76 -11.37
CA PHE A 352 11.13 -3.81 -9.96
C PHE A 352 12.40 -4.63 -9.72
N ASP A 353 13.33 -4.61 -10.69
CA ASP A 353 14.67 -5.16 -10.45
C ASP A 353 15.31 -4.58 -9.21
N ALA A 354 15.03 -3.31 -8.91
CA ALA A 354 15.69 -2.63 -7.81
C ALA A 354 15.32 -3.22 -6.46
N LEU A 355 14.20 -3.92 -6.39
CA LEU A 355 13.76 -4.54 -5.15
C LEU A 355 14.05 -6.04 -5.09
N LEU A 356 14.90 -6.55 -6.00
CA LEU A 356 15.44 -7.90 -5.82
C LEU A 356 16.28 -7.92 -4.54
N ILE A 357 16.23 -9.05 -3.84
CA ILE A 357 16.93 -9.15 -2.56
C ILE A 357 18.41 -8.86 -2.72
N GLU A 358 19.04 -9.41 -3.77
CA GLU A 358 20.47 -9.17 -3.99
C GLU A 358 20.77 -7.68 -4.10
N ASN A 359 19.89 -6.94 -4.78
CA ASN A 359 20.15 -5.52 -4.99
C ASN A 359 19.95 -4.73 -3.71
N MET A 360 18.94 -5.10 -2.91
CA MET A 360 18.68 -4.40 -1.67
C MET A 360 19.71 -4.73 -0.61
N LYS A 361 20.15 -5.99 -0.57
CA LYS A 361 21.18 -6.43 0.36
C LYS A 361 22.33 -5.44 0.41
N THR A 362 22.83 -5.06 -0.75
CA THR A 362 23.95 -4.12 -0.82
C THR A 362 23.59 -2.75 -0.27
N GLY A 363 22.31 -2.40 -0.26
CA GLY A 363 21.90 -1.06 0.12
C GLY A 363 22.33 0.00 -0.89
N ASN A 364 23.54 -0.15 -1.43
CA ASN A 364 24.10 0.84 -2.36
C ASN A 364 23.21 1.07 -3.56
N PHE A 365 22.42 0.06 -3.96
CA PHE A 365 21.54 0.20 -5.10
C PHE A 365 20.32 1.06 -4.75
N GLN A 366 20.53 2.07 -3.90
CA GLN A 366 19.54 3.09 -3.61
C GLN A 366 19.87 4.43 -4.26
N ASN A 367 21.00 4.52 -4.97
CA ASN A 367 21.33 5.67 -5.81
C ASN A 367 20.60 5.63 -7.15
N ASP A 368 19.36 5.12 -7.15
CA ASP A 368 18.52 5.04 -8.34
C ASP A 368 17.48 6.15 -8.25
N ALA A 369 17.89 7.35 -8.69
CA ALA A 369 17.10 8.56 -8.49
C ALA A 369 15.81 8.56 -9.29
N LEU A 370 15.74 7.81 -10.39
CA LEU A 370 14.48 7.71 -11.13
C LEU A 370 13.47 6.83 -10.41
N PHE A 371 13.91 6.05 -9.44
CA PHE A 371 13.04 5.21 -8.64
C PHE A 371 12.54 5.93 -7.38
N LEU A 372 12.99 7.17 -7.13
CA LEU A 372 12.64 7.90 -5.90
C LEU A 372 11.23 8.46 -6.01
N PRO A 373 10.35 8.17 -5.06
CA PRO A 373 8.96 8.59 -5.22
C PRO A 373 8.73 9.98 -4.66
N TYR A 374 7.81 10.71 -5.31
CA TYR A 374 7.38 12.02 -4.81
C TYR A 374 5.88 12.11 -4.80
N LEU A 375 5.34 12.68 -3.73
CA LEU A 375 3.91 12.92 -3.65
C LEU A 375 3.49 13.90 -4.72
N THR A 376 2.44 13.55 -5.46
CA THR A 376 2.08 14.20 -6.72
C THR A 376 0.57 14.28 -6.78
N ARG A 377 0.05 15.31 -7.44
CA ARG A 377 -1.39 15.50 -7.58
C ARG A 377 -1.74 15.63 -9.06
N VAL A 378 -2.80 14.95 -9.47
CA VAL A 378 -3.39 15.22 -10.78
C VAL A 378 -4.85 15.57 -10.55
N ILE A 379 -5.36 16.50 -11.36
CA ILE A 379 -6.72 16.99 -11.22
C ILE A 379 -7.44 16.73 -12.53
N ILE A 380 -8.52 15.97 -12.48
CA ILE A 380 -9.15 15.40 -13.66
C ILE A 380 -10.53 16.02 -13.84
N PRO A 381 -10.77 16.81 -14.89
CA PRO A 381 -12.15 17.23 -15.18
C PRO A 381 -13.02 16.02 -15.45
N LEU A 382 -14.19 15.99 -14.84
CA LEU A 382 -15.12 14.88 -15.04
C LEU A 382 -16.06 15.13 -16.22
N SER A 383 -15.96 16.28 -16.85
CA SER A 383 -16.72 16.55 -18.06
C SER A 383 -15.98 17.64 -18.85
N ILE A 384 -16.34 17.76 -20.12
CA ILE A 384 -15.75 18.75 -21.02
C ILE A 384 -16.82 19.77 -21.36
N PRO A 385 -16.56 21.06 -21.18
CA PRO A 385 -17.59 22.08 -21.50
C PRO A 385 -17.79 22.19 -23.01
N ASP A 386 -19.06 22.34 -23.41
CA ASP A 386 -19.35 22.65 -24.81
C ASP A 386 -18.55 23.85 -25.26
N GLY A 387 -17.95 23.76 -26.44
CA GLY A 387 -17.18 24.85 -27.00
C GLY A 387 -15.71 24.86 -26.63
N ALA A 388 -15.25 23.91 -25.81
CA ALA A 388 -13.82 23.81 -25.53
C ALA A 388 -13.06 23.68 -26.84
N GLN A 389 -11.95 24.40 -26.93
CA GLN A 389 -11.14 24.40 -28.14
C GLN A 389 -9.85 23.62 -27.91
N PRO A 390 -9.32 22.94 -28.93
CA PRO A 390 -8.05 22.23 -28.76
C PRO A 390 -7.00 23.16 -28.20
N GLY A 391 -6.28 22.70 -27.18
CA GLY A 391 -5.31 23.51 -26.49
C GLY A 391 -5.82 24.20 -25.23
N ASP A 392 -7.13 24.27 -25.04
CA ASP A 392 -7.70 24.90 -23.85
C ASP A 392 -7.33 24.14 -22.59
N ASP A 393 -6.90 24.86 -21.54
CA ASP A 393 -6.67 24.26 -20.23
C ASP A 393 -7.97 24.34 -19.45
N LEU A 394 -8.65 23.19 -19.31
CA LEU A 394 -9.94 23.16 -18.63
C LEU A 394 -9.85 23.50 -17.15
N LEU A 395 -8.65 23.53 -16.56
CA LEU A 395 -8.50 23.89 -15.16
C LEU A 395 -8.13 25.35 -14.94
N LYS A 396 -7.87 26.11 -15.99
CA LYS A 396 -7.44 27.49 -15.82
C LYS A 396 -8.35 28.33 -14.92
N PRO A 397 -9.69 28.22 -14.97
CA PRO A 397 -10.52 29.05 -14.07
C PRO A 397 -10.34 28.74 -12.59
N LEU A 398 -9.86 27.54 -12.24
CA LEU A 398 -9.85 27.07 -10.86
C LEU A 398 -8.51 27.42 -10.24
N GLY A 399 -8.50 28.48 -9.42
CA GLY A 399 -7.25 28.92 -8.80
C GLY A 399 -6.64 27.89 -7.89
N TRP A 400 -7.47 27.11 -7.18
CA TRP A 400 -6.94 26.09 -6.30
C TRP A 400 -6.19 24.99 -7.07
N ALA A 401 -6.40 24.90 -8.38
CA ALA A 401 -5.79 23.87 -9.21
C ALA A 401 -4.49 24.32 -9.86
N LYS A 402 -4.07 25.56 -9.63
CA LYS A 402 -2.90 26.12 -10.30
C LYS A 402 -1.69 25.19 -10.13
N GLY A 403 -0.98 24.95 -11.22
CA GLY A 403 0.11 24.00 -11.27
C GLY A 403 -0.23 22.70 -11.98
N CYS A 404 -1.50 22.30 -11.95
CA CYS A 404 -2.00 21.21 -12.78
C CYS A 404 -2.72 21.81 -13.97
N SER A 405 -2.78 21.05 -15.06
CA SER A 405 -3.55 21.47 -16.21
C SER A 405 -4.22 20.26 -16.81
N ALA A 406 -5.25 20.52 -17.60
CA ALA A 406 -6.01 19.47 -18.26
C ALA A 406 -6.34 20.01 -19.65
N ILE A 407 -5.55 19.62 -20.64
CA ILE A 407 -5.61 20.24 -21.98
C ILE A 407 -6.55 19.44 -22.87
N PHE A 408 -7.61 20.08 -23.36
CA PHE A 408 -8.50 19.48 -24.35
C PHE A 408 -7.75 19.33 -25.67
N GLN A 409 -7.77 18.13 -26.24
CA GLN A 409 -7.02 17.87 -27.48
C GLN A 409 -7.87 18.03 -28.74
N LYS A 413 -10.49 13.98 -26.26
CA LYS A 413 -9.37 13.56 -25.41
C LYS A 413 -8.92 14.71 -24.51
N ILE A 414 -8.43 14.38 -23.31
CA ILE A 414 -7.85 15.34 -22.37
C ILE A 414 -6.47 14.82 -21.99
N ARG A 415 -5.46 15.68 -22.11
CA ARG A 415 -4.13 15.36 -21.60
C ARG A 415 -3.96 16.06 -20.26
N LEU A 416 -3.65 15.29 -19.23
CA LEU A 416 -3.50 15.81 -17.88
C LEU A 416 -2.04 16.04 -17.57
N LYS A 417 -1.75 17.16 -16.92
CA LYS A 417 -0.40 17.44 -16.44
C LYS A 417 -0.47 17.56 -14.93
N GLU A 418 0.30 16.72 -14.24
CA GLU A 418 0.25 16.64 -12.80
C GLU A 418 1.23 17.63 -12.19
N LYS A 419 1.20 17.74 -10.87
CA LYS A 419 2.20 18.58 -10.22
C LYS A 419 2.74 17.90 -8.97
N ARG A 420 4.03 18.07 -8.73
CA ARG A 420 4.62 17.58 -7.51
C ARG A 420 4.18 18.45 -6.35
N VAL A 421 3.64 17.84 -5.29
CA VAL A 421 3.12 18.61 -4.17
C VAL A 421 3.99 18.53 -2.93
N CYS A 422 5.02 17.68 -2.92
CA CYS A 422 6.03 17.72 -1.87
C CYS A 422 7.38 17.43 -2.49
N ASP A 423 8.33 18.36 -2.32
CA ASP A 423 9.65 18.20 -2.90
CA ASP A 423 9.67 18.24 -2.88
C ASP A 423 10.55 17.27 -2.11
N ILE A 424 10.10 16.76 -0.97
CA ILE A 424 10.87 15.79 -0.18
C ILE A 424 10.33 14.40 -0.50
N SER A 425 11.19 13.55 -1.08
CA SER A 425 10.79 12.21 -1.46
C SER A 425 10.15 11.45 -0.30
N MET A 426 9.07 10.77 -0.62
CA MET A 426 8.33 10.02 0.43
C MET A 426 7.56 8.86 -0.20
N GLU A 427 7.25 7.88 0.64
CA GLU A 427 6.52 6.71 0.21
C GLU A 427 5.69 6.24 1.41
N PHE A 428 4.92 5.16 1.23
CA PHE A 428 3.96 4.69 2.22
C PHE A 428 3.09 5.83 2.76
N PRO A 429 2.37 6.53 1.89
CA PRO A 429 1.56 7.66 2.35
C PRO A 429 0.36 7.21 3.18
N ARG A 430 0.04 7.99 4.22
CA ARG A 430 -1.14 7.76 5.04
C ARG A 430 -1.71 9.12 5.43
N TYR A 431 -2.97 9.13 5.86
CA TYR A 431 -3.63 10.39 6.20
C TYR A 431 -4.67 10.14 7.29
N HIS A 432 -5.32 11.21 7.72
CA HIS A 432 -6.32 11.15 8.81
C HIS A 432 -7.64 10.66 8.19
N TRP A 433 -7.72 9.34 8.06
CA TRP A 433 -8.85 8.68 7.40
C TRP A 433 -10.19 9.07 8.02
N GLU A 434 -10.25 9.11 9.36
CA GLU A 434 -11.52 9.34 10.05
C GLU A 434 -12.13 10.68 9.69
N LYS A 435 -11.30 11.71 9.52
CA LYS A 435 -11.84 13.05 9.29
C LYS A 435 -12.02 13.38 7.81
N ILE A 436 -11.09 13.00 6.93
CA ILE A 436 -11.12 13.57 5.58
C ILE A 436 -11.00 12.56 4.45
N ASN A 437 -11.16 11.26 4.76
CA ASN A 437 -11.27 10.28 3.69
C ASN A 437 -12.31 10.72 2.67
N MET A 438 -11.94 10.71 1.39
CA MET A 438 -12.78 11.12 0.26
C MET A 438 -13.17 12.60 0.31
N LYS A 439 -12.43 13.41 1.04
CA LYS A 439 -12.75 14.83 1.17
C LYS A 439 -11.51 15.67 0.91
N PRO A 440 -11.69 16.94 0.56
CA PRO A 440 -10.55 17.87 0.51
C PRO A 440 -9.81 17.84 1.83
N TYR A 441 -8.48 17.95 1.76
CA TYR A 441 -7.67 17.67 2.94
C TYR A 441 -6.32 18.36 2.79
N ASN A 442 -5.58 18.37 3.89
CA ASN A 442 -4.35 19.16 3.99
C ASN A 442 -3.08 18.34 4.08
N TYR A 443 -3.09 17.16 4.71
CA TYR A 443 -1.83 16.53 5.13
C TYR A 443 -1.70 15.08 4.70
N VAL A 444 -0.51 14.72 4.22
CA VAL A 444 -0.13 13.32 3.97
C VAL A 444 1.17 13.05 4.74
N TYR A 445 1.22 11.92 5.45
CA TYR A 445 2.42 11.51 6.15
C TYR A 445 3.02 10.34 5.39
N GLY A 446 4.34 10.33 5.28
CA GLY A 446 4.99 9.23 4.61
C GLY A 446 6.37 9.02 5.17
N SER A 447 7.02 7.95 4.71
CA SER A 447 8.37 7.62 5.13
CA SER A 447 8.38 7.63 5.13
C SER A 447 9.37 7.95 4.03
N SER A 448 10.55 8.41 4.42
CA SER A 448 11.64 8.54 3.48
CA SER A 448 11.65 8.54 3.48
C SER A 448 12.21 7.16 3.15
N VAL A 449 12.78 7.03 1.95
CA VAL A 449 13.45 5.77 1.62
C VAL A 449 14.52 5.95 0.56
N THR A 457 19.53 16.64 5.88
CA THR A 457 19.75 15.23 5.57
C THR A 457 19.05 14.33 6.60
N LEU A 458 19.20 13.02 6.42
CA LEU A 458 18.54 12.00 7.24
C LEU A 458 17.02 12.20 7.43
N PRO A 459 16.28 12.48 6.36
CA PRO A 459 14.83 12.56 6.52
C PRO A 459 14.27 11.21 6.92
N GLY A 460 13.28 11.22 7.81
CA GLY A 460 12.74 9.97 8.30
C GLY A 460 11.25 9.83 8.02
N ILE A 461 10.45 10.67 8.66
CA ILE A 461 9.02 10.80 8.37
C ILE A 461 8.78 12.21 7.82
N VAL A 462 7.97 12.29 6.78
CA VAL A 462 7.67 13.54 6.10
C VAL A 462 6.17 13.80 6.23
N LYS A 463 5.82 15.04 6.59
CA LYS A 463 4.44 15.51 6.58
C LYS A 463 4.31 16.54 5.47
N ALA A 464 3.63 16.18 4.39
CA ALA A 464 3.41 17.12 3.30
C ALA A 464 2.20 18.00 3.62
N ASP A 465 2.36 19.31 3.40
CA ASP A 465 1.28 20.28 3.60
C ASP A 465 0.77 20.67 2.21
N LEU A 466 -0.37 20.09 1.83
CA LEU A 466 -0.94 20.30 0.51
C LEU A 466 -1.54 21.70 0.36
N GLU A 467 -1.79 22.37 1.48
CA GLU A 467 -2.44 23.67 1.45
C GLU A 467 -1.43 24.79 1.23
N ASN A 468 -0.36 24.80 2.04
CA ASN A 468 0.59 25.90 2.05
C ASN A 468 2.04 25.49 1.77
N GLY A 469 2.33 24.20 1.64
CA GLY A 469 3.71 23.81 1.38
C GLY A 469 4.64 23.90 2.57
N ASP A 470 4.11 24.10 3.78
CA ASP A 470 4.92 24.11 5.00
C ASP A 470 5.12 22.66 5.49
N HIS A 471 5.93 21.92 4.76
CA HIS A 471 6.18 20.52 5.09
C HIS A 471 6.99 20.39 6.37
N LYS A 472 6.78 19.29 7.10
CA LYS A 472 7.50 18.98 8.32
C LYS A 472 8.23 17.65 8.16
N VAL A 473 9.33 17.49 8.87
CA VAL A 473 10.15 16.27 8.81
C VAL A 473 10.58 15.90 10.21
N TRP A 474 10.44 14.62 10.56
CA TRP A 474 11.21 14.04 11.66
C TRP A 474 12.47 13.43 11.07
N ARG A 475 13.61 13.86 11.57
CA ARG A 475 14.90 13.43 11.07
C ARG A 475 15.36 12.18 11.81
N ARG A 476 15.84 11.19 11.06
CA ARG A 476 16.48 10.04 11.69
C ARG A 476 17.74 10.49 12.42
N GLU A 477 18.08 9.75 13.47
CA GLU A 477 19.24 10.12 14.29
C GLU A 477 20.55 9.65 13.69
N ASN A 478 20.52 8.63 12.83
CA ASN A 478 21.73 8.15 12.19
C ASN A 478 21.30 7.31 10.99
N ASP A 479 22.27 6.93 10.17
CA ASP A 479 21.95 6.23 8.92
C ASP A 479 21.82 4.73 9.10
N LYS A 480 21.82 4.25 10.33
CA LYS A 480 21.45 2.87 10.60
C LYS A 480 19.97 2.72 10.94
N GLN A 481 19.19 3.80 10.87
CA GLN A 481 17.75 3.76 11.11
C GLN A 481 17.01 3.86 9.80
N ILE A 482 15.84 3.22 9.75
CA ILE A 482 14.93 3.27 8.62
C ILE A 482 13.51 3.45 9.16
N CYS A 483 12.80 4.47 8.69
CA CYS A 483 11.42 4.64 9.15
C CYS A 483 10.46 3.82 8.30
N GLY A 484 9.50 3.18 8.96
CA GLY A 484 8.42 2.51 8.28
C GLY A 484 7.23 3.43 8.08
N GLU A 485 6.12 2.82 7.67
CA GLU A 485 4.90 3.55 7.33
C GLU A 485 4.30 4.22 8.57
N PRO A 486 4.05 5.53 8.54
CA PRO A 486 3.47 6.21 9.70
C PRO A 486 1.95 6.05 9.71
N ILE A 487 1.39 5.81 10.89
CA ILE A 487 -0.06 5.67 11.06
C ILE A 487 -0.56 6.82 11.92
N PHE A 488 -1.52 7.58 11.38
CA PHE A 488 -2.14 8.65 12.16
C PHE A 488 -3.23 8.10 13.08
N VAL A 489 -3.13 8.41 14.36
CA VAL A 489 -4.16 8.07 15.35
C VAL A 489 -4.79 9.36 15.85
N PRO A 490 -6.08 9.58 15.66
CA PRO A 490 -6.68 10.87 16.00
C PRO A 490 -6.96 11.02 17.49
N ASN A 491 -6.79 12.25 17.94
CA ASN A 491 -7.31 12.66 19.23
C ASN A 491 -8.84 12.65 19.15
N PRO A 492 -9.52 11.86 19.98
CA PRO A 492 -10.99 11.84 19.93
C PRO A 492 -11.63 13.21 20.11
N GLU A 493 -10.99 14.10 20.86
CA GLU A 493 -11.50 15.45 21.07
C GLU A 493 -10.90 16.47 20.11
N GLY A 494 -10.05 16.05 19.16
CA GLY A 494 -9.48 16.99 18.22
C GLY A 494 -10.52 17.58 17.28
N VAL A 495 -10.15 18.70 16.64
CA VAL A 495 -11.03 19.30 15.65
C VAL A 495 -10.27 19.56 14.34
N ARG A 496 -8.96 19.77 14.44
CA ARG A 496 -8.18 19.99 13.24
C ARG A 496 -7.70 18.66 12.64
N GLU A 497 -7.34 18.73 11.37
CA GLU A 497 -6.98 17.51 10.65
C GLU A 497 -5.75 16.83 11.25
N ASP A 498 -4.82 17.60 11.79
CA ASP A 498 -3.61 17.02 12.35
C ASP A 498 -3.62 16.98 13.88
N ASP A 499 -4.81 17.00 14.50
CA ASP A 499 -4.94 16.81 15.94
C ASP A 499 -4.82 15.31 16.26
N GLY A 500 -3.59 14.86 16.41
CA GLY A 500 -3.39 13.44 16.66
C GLY A 500 -1.91 13.13 16.76
N ILE A 501 -1.59 11.84 16.69
CA ILE A 501 -0.22 11.35 16.81
C ILE A 501 0.06 10.38 15.67
N LEU A 502 1.33 10.08 15.47
CA LEU A 502 1.78 9.09 14.49
C LEU A 502 2.48 7.94 15.20
N ILE A 503 2.12 6.71 14.83
CA ILE A 503 2.84 5.50 15.24
C ILE A 503 3.82 5.18 14.11
N VAL A 504 5.11 5.15 14.43
CA VAL A 504 6.14 4.93 13.41
C VAL A 504 7.06 3.78 13.83
N PRO A 505 7.02 2.63 13.15
CA PRO A 505 8.01 1.60 13.42
C PRO A 505 9.33 1.98 12.77
N VAL A 506 10.41 1.88 13.53
CA VAL A 506 11.74 2.24 13.04
C VAL A 506 12.60 0.98 13.06
N MET A 507 13.00 0.54 11.87
CA MET A 507 13.93 -0.55 11.72
C MET A 507 15.37 -0.05 11.91
N THR A 508 16.25 -0.96 12.32
CA THR A 508 17.67 -0.66 12.36
C THR A 508 18.43 -1.68 11.53
N ILE A 509 19.59 -1.27 11.04
CA ILE A 509 20.48 -2.18 10.32
C ILE A 509 21.83 -2.23 11.02
N SER A 510 21.82 -2.30 12.34
CA SER A 510 23.07 -2.39 13.09
C SER A 510 22.81 -3.10 14.41
N ASP A 511 23.73 -3.99 14.80
CA ASP A 511 23.53 -4.76 16.02
C ASP A 511 23.74 -3.93 17.27
N GLY A 512 24.22 -2.70 17.15
CA GLY A 512 24.30 -1.81 18.28
C GLY A 512 23.04 -1.01 18.57
N GLN A 513 21.99 -1.16 17.76
CA GLN A 513 20.76 -0.38 17.93
C GLN A 513 19.56 -1.30 17.82
N ARG A 514 18.76 -1.31 18.85
CA ARG A 514 17.52 -2.06 18.78
C ARG A 514 16.46 -1.28 17.99
N PRO A 515 15.58 -1.98 17.30
CA PRO A 515 14.45 -1.30 16.66
C PRO A 515 13.50 -0.74 17.72
N PHE A 516 12.68 0.21 17.31
CA PHE A 516 11.77 0.85 18.23
C PHE A 516 10.54 1.33 17.49
N VAL A 517 9.49 1.61 18.25
CA VAL A 517 8.32 2.30 17.74
C VAL A 517 8.35 3.72 18.26
N LEU A 518 8.33 4.66 17.33
CA LEU A 518 8.39 6.08 17.63
C LEU A 518 6.97 6.64 17.65
N ILE A 519 6.65 7.44 18.67
CA ILE A 519 5.37 8.14 18.71
C ILE A 519 5.66 9.63 18.48
N LEU A 520 5.13 10.18 17.40
CA LEU A 520 5.30 11.60 17.08
C LEU A 520 3.96 12.32 17.26
N GLU A 521 3.99 13.56 17.75
CA GLU A 521 2.80 14.37 17.64
C GLU A 521 2.72 14.92 16.22
N ALA A 522 1.51 14.97 15.66
CA ALA A 522 1.38 15.14 14.23
C ALA A 522 1.44 16.59 13.77
N LYS A 523 1.37 17.57 14.69
CA LYS A 523 1.38 18.96 14.27
C LYS A 523 2.76 19.37 13.77
N ASN A 524 3.81 18.96 14.49
CA ASN A 524 5.18 19.38 14.15
C ASN A 524 6.15 18.20 14.10
N LEU A 525 5.65 16.97 14.22
CA LEU A 525 6.45 15.75 14.05
C LEU A 525 7.56 15.65 15.09
N THR A 526 7.33 16.17 16.29
CA THR A 526 8.30 15.99 17.36
C THR A 526 7.97 14.71 18.14
N GLU A 527 9.02 14.07 18.65
CA GLU A 527 8.85 12.83 19.41
C GLU A 527 8.25 13.10 20.77
N ILE A 528 7.17 12.40 21.10
CA ILE A 528 6.62 12.46 22.45
C ILE A 528 6.87 11.18 23.23
N ALA A 529 7.14 10.07 22.57
CA ALA A 529 7.41 8.81 23.24
C ALA A 529 8.15 7.87 22.31
N ARG A 530 8.78 6.85 22.91
CA ARG A 530 9.50 5.85 22.14
C ARG A 530 9.45 4.53 22.89
N TYR A 531 9.12 3.45 22.17
CA TYR A 531 9.08 2.11 22.74
C TYR A 531 10.17 1.28 22.06
N THR A 532 11.23 0.98 22.81
CA THR A 532 12.35 0.23 22.26
C THR A 532 12.10 -1.26 22.46
N ILE A 533 12.22 -2.01 21.38
CA ILE A 533 11.80 -3.41 21.34
C ILE A 533 12.96 -4.32 21.73
N PRO A 534 12.77 -5.27 22.70
CA PRO A 534 13.84 -6.18 23.11
C PRO A 534 14.07 -7.35 22.14
N GLU A 535 14.27 -7.02 20.87
CA GLU A 535 14.67 -7.95 19.84
C GLU A 535 15.76 -7.28 19.01
N ALA A 536 16.54 -8.10 18.30
CA ALA A 536 17.61 -7.54 17.48
C ALA A 536 17.07 -6.80 16.26
N ARG A 537 15.93 -7.25 15.72
CA ARG A 537 15.43 -6.74 14.44
C ARG A 537 13.91 -6.78 14.42
N ILE A 538 13.34 -5.87 13.65
CA ILE A 538 12.01 -6.06 13.08
C ILE A 538 12.18 -6.07 11.57
N PRO A 539 11.23 -6.66 10.83
CA PRO A 539 11.41 -6.79 9.38
C PRO A 539 11.35 -5.47 8.63
N LEU A 540 12.01 -5.49 7.47
CA LEU A 540 11.83 -4.45 6.47
C LEU A 540 10.49 -4.72 5.83
N GLY A 541 9.42 -4.16 6.41
CA GLY A 541 8.08 -4.64 6.19
C GLY A 541 7.28 -3.75 5.27
N PHE A 542 6.00 -4.09 5.15
CA PHE A 542 5.12 -3.32 4.28
C PHE A 542 4.14 -2.53 5.12
N HIS A 543 2.85 -2.89 5.10
CA HIS A 543 1.81 -2.02 5.65
C HIS A 543 1.35 -2.48 7.02
N ALA A 544 0.84 -1.52 7.79
CA ALA A 544 0.32 -1.79 9.12
C ALA A 544 -1.13 -1.36 9.21
N PHE A 545 -1.85 -1.98 10.13
CA PHE A 545 -3.23 -1.62 10.44
C PHE A 545 -3.36 -1.38 11.92
N TYR A 546 -3.89 -0.23 12.32
CA TYR A 546 -4.06 0.09 13.73
C TYR A 546 -5.53 0.00 14.08
N GLN A 547 -5.84 -0.82 15.09
CA GLN A 547 -7.20 -0.98 15.60
C GLN A 547 -7.29 -0.35 16.98
N GLY A 548 -7.96 0.80 17.07
CA GLY A 548 -8.23 1.39 18.38
C GLY A 548 -9.17 0.50 19.18
N ARG A 549 -8.93 0.42 20.47
CA ARG A 549 -9.72 -0.44 21.36
C ARG A 549 -9.48 -0.09 22.81
#